data_9GNB
#
_entry.id   9GNB
#
_cell.length_a   48.304
_cell.length_b   31.234
_cell.length_c   68.355
_cell.angle_alpha   90.000
_cell.angle_beta   95.970
_cell.angle_gamma   90.000
#
_symmetry.space_group_name_H-M   'P 1 21 1'
#
loop_
_entity.id
_entity.type
_entity.pdbx_description
1 polymer 'Tumor protein p73'
2 polymer 'Darpin B9'
3 non-polymer 'SULFATE ION'
4 water water
#
loop_
_entity_poly.entity_id
_entity_poly.type
_entity_poly.pdbx_seq_one_letter_code
_entity_poly.pdbx_strand_id
1 'polypeptide(L)' GSADPSLVSFLTGLGCPNCIEYFTSQGLQSIYHLQNLTIEDLGALKIPEQYRMTIWRGLQDLKQ A
2 'polypeptide(L)'
;GSDLGKKLLEAARAGQDDEVRILMANGADVNALDSWGFTPLHLAAFFGHLEIVEVLLKTGADVNAVDNAGTTPLHLAAHA
GHLEIVEVLLKAGADVNAHDQHGTVTPLHLAAHMGHLEIVEVLLKHGADVNAQDKFGKTPFDLAIDNGNEDIAEVLQKAA
;
B
#
loop_
_chem_comp.id
_chem_comp.type
_chem_comp.name
_chem_comp.formula
SO4 non-polymer 'SULFATE ION' 'O4 S -2'
#
# COMPACT_ATOMS: atom_id res chain seq x y z
N ASP A 4 -2.41 0.91 -9.77
CA ASP A 4 -3.27 1.82 -9.01
C ASP A 4 -3.15 1.39 -7.54
N PRO A 5 -3.07 2.34 -6.60
CA PRO A 5 -2.96 1.94 -5.19
C PRO A 5 -4.16 1.13 -4.68
N SER A 6 -5.35 1.27 -5.27
CA SER A 6 -6.55 0.52 -4.79
C SER A 6 -6.29 -0.99 -4.86
N LEU A 7 -5.57 -1.48 -5.87
CA LEU A 7 -5.32 -2.93 -6.08
C LEU A 7 -4.29 -3.41 -5.04
N VAL A 8 -3.26 -2.59 -4.82
CA VAL A 8 -2.17 -2.85 -3.83
C VAL A 8 -2.87 -2.96 -2.47
N SER A 9 -3.75 -2.01 -2.17
CA SER A 9 -4.40 -1.87 -0.85
C SER A 9 -5.37 -3.04 -0.66
N PHE A 10 -6.20 -3.32 -1.67
CA PHE A 10 -7.14 -4.46 -1.64
C PHE A 10 -6.45 -5.77 -1.20
N LEU A 11 -5.39 -6.13 -1.90
CA LEU A 11 -4.69 -7.43 -1.78
C LEU A 11 -3.93 -7.41 -0.45
N THR A 12 -3.48 -6.23 -0.03
CA THR A 12 -2.82 -6.05 1.30
C THR A 12 -3.85 -6.41 2.38
N GLY A 13 -5.03 -5.80 2.33
CA GLY A 13 -6.15 -6.01 3.26
C GLY A 13 -6.54 -7.46 3.38
N LEU A 14 -6.49 -8.19 2.27
CA LEU A 14 -6.90 -9.62 2.23
C LEU A 14 -5.76 -10.56 2.69
N GLY A 15 -4.50 -10.14 2.69
CA GLY A 15 -3.36 -10.99 3.08
C GLY A 15 -2.55 -11.57 1.92
N CYS A 16 -2.87 -11.20 0.67
CA CYS A 16 -2.13 -11.76 -0.51
C CYS A 16 -1.58 -10.64 -1.39
N PRO A 17 -0.65 -9.79 -0.87
CA PRO A 17 0.03 -8.79 -1.70
C PRO A 17 0.88 -9.49 -2.78
N ASN A 18 1.32 -10.71 -2.49
CA ASN A 18 2.11 -11.53 -3.45
C ASN A 18 1.21 -11.99 -4.61
N CYS A 19 -0.09 -11.73 -4.57
CA CYS A 19 -1.02 -12.09 -5.68
C CYS A 19 -1.13 -10.97 -6.72
N ILE A 20 -0.50 -9.81 -6.51
CA ILE A 20 -0.75 -8.61 -7.36
C ILE A 20 -0.33 -8.88 -8.81
N GLU A 21 0.78 -9.59 -9.05
CA GLU A 21 1.31 -9.84 -10.41
C GLU A 21 0.36 -10.73 -11.25
N TYR A 22 -0.51 -11.55 -10.65
CA TYR A 22 -1.50 -12.36 -11.40
C TYR A 22 -2.48 -11.44 -12.12
N PHE A 23 -2.76 -10.25 -11.56
CA PHE A 23 -3.68 -9.24 -12.13
C PHE A 23 -2.91 -8.32 -13.08
N THR A 24 -1.80 -7.74 -12.62
CA THR A 24 -1.09 -6.71 -13.45
C THR A 24 -0.49 -7.35 -14.71
N SER A 25 -0.11 -8.64 -14.69
CA SER A 25 0.40 -9.34 -15.89
C SER A 25 -0.69 -9.39 -16.99
N GLN A 26 -1.97 -9.21 -16.66
CA GLN A 26 -3.07 -9.17 -17.65
C GLN A 26 -3.47 -7.73 -17.87
N GLY A 27 -2.75 -6.80 -17.26
CA GLY A 27 -3.06 -5.37 -17.39
C GLY A 27 -4.23 -4.91 -16.57
N LEU A 28 -4.57 -5.64 -15.49
CA LEU A 28 -5.59 -5.23 -14.52
C LEU A 28 -4.87 -4.50 -13.38
N GLN A 29 -5.10 -3.19 -13.25
CA GLN A 29 -4.27 -2.26 -12.42
C GLN A 29 -5.05 -1.72 -11.22
N SER A 30 -6.36 -1.65 -11.29
CA SER A 30 -7.21 -1.02 -10.26
C SER A 30 -8.25 -2.02 -9.73
N ILE A 31 -8.86 -1.68 -8.60
CA ILE A 31 -9.92 -2.54 -8.01
C ILE A 31 -11.11 -2.58 -8.97
N TYR A 32 -11.41 -1.48 -9.67
CA TYR A 32 -12.48 -1.43 -10.70
C TYR A 32 -12.27 -2.53 -11.75
N HIS A 33 -11.03 -2.77 -12.17
CA HIS A 33 -10.68 -3.75 -13.24
C HIS A 33 -10.99 -5.18 -12.76
N LEU A 34 -11.01 -5.42 -11.44
CA LEU A 34 -11.26 -6.78 -10.86
C LEU A 34 -12.75 -7.04 -10.61
N GLN A 35 -13.55 -5.97 -10.46
CA GLN A 35 -14.85 -6.01 -9.73
C GLN A 35 -15.73 -7.16 -10.22
N ASN A 36 -15.70 -7.48 -11.52
CA ASN A 36 -16.66 -8.43 -12.13
C ASN A 36 -15.94 -9.70 -12.60
N LEU A 37 -14.78 -10.06 -12.04
CA LEU A 37 -14.09 -11.32 -12.40
C LEU A 37 -14.88 -12.46 -11.75
N THR A 38 -15.02 -13.59 -12.45
CA THR A 38 -15.70 -14.80 -11.90
C THR A 38 -14.75 -15.68 -11.14
N ILE A 39 -15.31 -16.65 -10.42
CA ILE A 39 -14.47 -17.70 -9.81
C ILE A 39 -13.64 -18.36 -10.91
N GLU A 40 -14.26 -18.67 -12.04
CA GLU A 40 -13.58 -19.30 -13.21
C GLU A 40 -12.41 -18.38 -13.66
N ASP A 41 -12.69 -17.10 -13.74
CA ASP A 41 -11.67 -16.10 -14.22
C ASP A 41 -10.47 -16.12 -13.32
N LEU A 42 -10.68 -16.15 -11.99
CA LEU A 42 -9.56 -16.17 -11.03
C LEU A 42 -8.70 -17.42 -11.19
N GLY A 43 -9.29 -18.56 -11.55
CA GLY A 43 -8.55 -19.80 -11.87
C GLY A 43 -7.75 -19.65 -13.16
N ALA A 44 -8.34 -19.05 -14.19
CA ALA A 44 -7.69 -18.78 -15.50
C ALA A 44 -6.45 -17.90 -15.29
N LEU A 45 -6.49 -17.00 -14.31
CA LEU A 45 -5.37 -16.10 -13.96
C LEU A 45 -4.28 -16.89 -13.22
N LYS A 46 -4.53 -18.16 -12.88
CA LYS A 46 -3.55 -19.07 -12.24
C LYS A 46 -3.25 -18.59 -10.81
N ILE A 47 -4.23 -17.98 -10.16
CA ILE A 47 -4.12 -17.72 -8.68
C ILE A 47 -4.22 -19.06 -7.92
N PRO A 48 -3.24 -19.40 -7.05
CA PRO A 48 -3.31 -20.64 -6.27
C PRO A 48 -4.57 -20.69 -5.40
N GLU A 49 -5.17 -21.89 -5.26
CA GLU A 49 -6.44 -22.13 -4.51
C GLU A 49 -6.27 -21.67 -3.07
N GLN A 50 -5.05 -21.69 -2.54
CA GLN A 50 -4.73 -21.08 -1.22
C GLN A 50 -5.46 -19.72 -1.12
N TYR A 51 -5.41 -18.90 -2.19
CA TYR A 51 -5.79 -17.46 -2.17
C TYR A 51 -7.07 -17.20 -2.94
N ARG A 52 -7.37 -17.98 -3.98
CA ARG A 52 -8.49 -17.71 -4.92
C ARG A 52 -9.80 -17.27 -4.29
N MET A 53 -10.40 -18.09 -3.44
CA MET A 53 -11.75 -17.78 -2.95
C MET A 53 -11.71 -16.61 -1.95
N THR A 54 -10.61 -16.42 -1.23
CA THR A 54 -10.39 -15.24 -0.36
C THR A 54 -10.52 -13.98 -1.24
N ILE A 55 -9.84 -14.00 -2.40
CA ILE A 55 -9.91 -12.84 -3.34
C ILE A 55 -11.35 -12.69 -3.83
N TRP A 56 -12.02 -13.77 -4.27
CA TRP A 56 -13.38 -13.71 -4.82
C TRP A 56 -14.34 -13.11 -3.78
N ARG A 57 -14.29 -13.63 -2.56
CA ARG A 57 -15.22 -13.14 -1.51
C ARG A 57 -14.99 -11.66 -1.27
N GLY A 58 -13.73 -11.25 -1.22
CA GLY A 58 -13.35 -9.83 -1.06
C GLY A 58 -13.99 -8.95 -2.11
N LEU A 59 -13.96 -9.39 -3.38
CA LEU A 59 -14.59 -8.69 -4.51
C LEU A 59 -16.11 -8.63 -4.33
N GLN A 60 -16.75 -9.71 -3.86
CA GLN A 60 -18.22 -9.76 -3.65
C GLN A 60 -18.58 -8.77 -2.53
N ASP A 61 -17.75 -8.70 -1.49
CA ASP A 61 -17.98 -7.80 -0.32
C ASP A 61 -18.06 -6.33 -0.78
N LEU A 62 -17.39 -5.96 -1.87
CA LEU A 62 -17.39 -4.57 -2.41
C LEU A 62 -18.70 -4.24 -3.17
N LYS A 63 -19.57 -5.21 -3.46
CA LYS A 63 -20.75 -5.02 -4.36
C LYS A 63 -22.00 -4.63 -3.56
N GLN A 64 -23.02 -4.07 -4.24
CA GLN A 64 -24.37 -3.77 -3.67
C GLN A 64 -25.42 -3.89 -4.78
N ASP B 3 -15.71 18.74 -5.64
CA ASP B 3 -15.56 19.72 -4.57
C ASP B 3 -14.10 19.83 -4.12
N LEU B 4 -13.85 20.61 -3.09
CA LEU B 4 -12.46 20.96 -2.69
C LEU B 4 -11.67 19.69 -2.33
N GLY B 5 -12.30 18.79 -1.57
CA GLY B 5 -11.65 17.54 -1.10
C GLY B 5 -11.29 16.68 -2.28
N LYS B 6 -12.24 16.44 -3.19
CA LYS B 6 -11.96 15.64 -4.41
C LYS B 6 -10.81 16.26 -5.21
N LYS B 7 -10.76 17.58 -5.35
CA LYS B 7 -9.75 18.23 -6.22
C LYS B 7 -8.41 18.12 -5.52
N LEU B 8 -8.40 18.17 -4.18
CA LEU B 8 -7.13 18.00 -3.42
C LEU B 8 -6.61 16.57 -3.60
N LEU B 9 -7.44 15.57 -3.50
CA LEU B 9 -7.03 14.17 -3.73
C LEU B 9 -6.46 14.06 -5.14
N GLU B 10 -7.16 14.62 -6.13
CA GLU B 10 -6.70 14.62 -7.56
C GLU B 10 -5.33 15.31 -7.69
N ALA B 11 -5.14 16.47 -7.07
CA ALA B 11 -3.89 17.25 -7.13
C ALA B 11 -2.75 16.47 -6.49
N ALA B 12 -3.01 15.82 -5.36
CA ALA B 12 -1.98 15.07 -4.61
C ALA B 12 -1.54 13.88 -5.46
N ARG B 13 -2.48 13.14 -6.05
CA ARG B 13 -2.18 12.01 -6.95
C ARG B 13 -1.31 12.50 -8.11
N ALA B 14 -1.67 13.62 -8.70
CA ALA B 14 -1.12 14.10 -9.99
C ALA B 14 0.19 14.85 -9.80
N GLY B 15 0.62 15.11 -8.57
CA GLY B 15 1.84 15.87 -8.28
C GLY B 15 1.69 17.37 -8.52
N GLN B 16 0.49 17.94 -8.41
CA GLN B 16 0.22 19.38 -8.66
C GLN B 16 0.37 20.14 -7.33
N ASP B 17 1.61 20.47 -6.98
CA ASP B 17 1.97 21.03 -5.66
C ASP B 17 1.33 22.41 -5.42
N ASP B 18 1.22 23.29 -6.42
CA ASP B 18 0.57 24.61 -6.23
C ASP B 18 -0.89 24.41 -5.85
N GLU B 19 -1.58 23.60 -6.66
CA GLU B 19 -3.03 23.35 -6.42
C GLU B 19 -3.15 22.71 -5.03
N VAL B 20 -2.21 21.83 -4.61
CA VAL B 20 -2.35 21.20 -3.28
C VAL B 20 -2.38 22.32 -2.23
N ARG B 21 -1.43 23.24 -2.29
CA ARG B 21 -1.28 24.37 -1.32
C ARG B 21 -2.53 25.26 -1.39
N ILE B 22 -2.97 25.62 -2.59
CA ILE B 22 -4.12 26.55 -2.80
C ILE B 22 -5.40 25.91 -2.28
N LEU B 23 -5.64 24.64 -2.62
CA LEU B 23 -6.93 24.00 -2.29
C LEU B 23 -7.08 23.90 -0.77
N MET B 24 -6.00 23.63 -0.05
CA MET B 24 -6.12 23.52 1.43
C MET B 24 -6.42 24.89 2.04
N ALA B 25 -5.79 25.93 1.52
CA ALA B 25 -6.00 27.33 1.97
C ALA B 25 -7.45 27.71 1.68
N ASN B 26 -8.06 27.14 0.65
CA ASN B 26 -9.43 27.46 0.21
C ASN B 26 -10.45 26.63 1.02
N GLY B 27 -10.04 25.63 1.80
CA GLY B 27 -10.92 24.90 2.73
C GLY B 27 -11.00 23.41 2.49
N ALA B 28 -10.12 22.83 1.66
CA ALA B 28 -10.07 21.36 1.50
C ALA B 28 -9.48 20.80 2.80
N ASP B 29 -10.10 19.76 3.34
CA ASP B 29 -9.57 19.03 4.50
C ASP B 29 -8.31 18.34 4.02
N VAL B 30 -7.19 18.56 4.70
CA VAL B 30 -5.93 17.81 4.41
C VAL B 30 -6.13 16.27 4.43
N ASN B 31 -7.13 15.77 5.15
CA ASN B 31 -7.47 14.33 5.32
C ASN B 31 -8.78 14.00 4.60
N ALA B 32 -9.10 14.72 3.53
CA ALA B 32 -10.23 14.39 2.61
C ALA B 32 -10.13 12.92 2.19
N LEU B 33 -11.26 12.26 2.00
CA LEU B 33 -11.25 10.82 1.64
C LEU B 33 -11.80 10.62 0.24
N ASP B 34 -11.20 9.70 -0.52
CA ASP B 34 -11.83 9.18 -1.75
C ASP B 34 -12.67 7.93 -1.44
N SER B 35 -13.25 7.32 -2.47
CA SER B 35 -14.24 6.22 -2.26
C SER B 35 -13.54 4.95 -1.76
N TRP B 36 -12.20 4.87 -1.78
CA TRP B 36 -11.45 3.73 -1.16
C TRP B 36 -11.00 4.09 0.27
N GLY B 37 -11.18 5.32 0.71
CA GLY B 37 -10.73 5.80 2.01
C GLY B 37 -9.31 6.29 1.95
N PHE B 38 -8.74 6.45 0.75
CA PHE B 38 -7.45 7.17 0.61
C PHE B 38 -7.56 8.64 0.99
N THR B 39 -6.52 9.13 1.69
CA THR B 39 -6.27 10.55 1.98
C THR B 39 -5.30 11.05 0.91
N PRO B 40 -5.11 12.39 0.78
CA PRO B 40 -4.13 12.90 -0.16
C PRO B 40 -2.72 12.34 0.11
N LEU B 41 -2.38 12.17 1.39
CA LEU B 41 -1.09 11.60 1.82
C LEU B 41 -0.91 10.20 1.28
N HIS B 42 -1.95 9.35 1.34
CA HIS B 42 -1.88 8.01 0.74
C HIS B 42 -1.43 8.17 -0.72
N LEU B 43 -2.13 8.99 -1.48
CA LEU B 43 -1.88 9.10 -2.95
C LEU B 43 -0.49 9.70 -3.24
N ALA B 44 -0.12 10.77 -2.54
CA ALA B 44 1.21 11.39 -2.75
C ALA B 44 2.32 10.38 -2.42
N ALA B 45 2.15 9.59 -1.35
CA ALA B 45 3.12 8.57 -0.87
C ALA B 45 3.26 7.47 -1.92
N PHE B 46 2.15 6.98 -2.47
CA PHE B 46 2.21 5.93 -3.53
C PHE B 46 2.88 6.44 -4.82
N PHE B 47 2.52 7.64 -5.28
CA PHE B 47 2.98 8.17 -6.60
C PHE B 47 4.31 8.91 -6.49
N GLY B 48 4.92 8.96 -5.31
CA GLY B 48 6.34 9.42 -5.19
C GLY B 48 6.51 10.95 -5.15
N HIS B 49 5.50 11.69 -4.68
CA HIS B 49 5.50 13.17 -4.68
C HIS B 49 5.97 13.67 -3.32
N LEU B 50 7.29 13.72 -3.12
CA LEU B 50 7.82 13.98 -1.76
C LEU B 50 7.47 15.39 -1.30
N GLU B 51 7.61 16.40 -2.16
CA GLU B 51 7.31 17.80 -1.76
C GLU B 51 5.85 17.86 -1.28
N ILE B 52 4.97 17.15 -1.97
CA ILE B 52 3.53 17.14 -1.59
C ILE B 52 3.36 16.39 -0.26
N VAL B 53 4.03 15.25 -0.07
CA VAL B 53 3.99 14.53 1.24
C VAL B 53 4.34 15.52 2.36
N GLU B 54 5.37 16.35 2.12
CA GLU B 54 5.90 17.25 3.18
C GLU B 54 4.90 18.35 3.51
N VAL B 55 4.35 19.00 2.47
CA VAL B 55 3.29 20.03 2.53
C VAL B 55 2.09 19.48 3.29
N LEU B 56 1.65 18.26 2.96
CA LEU B 56 0.46 17.67 3.62
C LEU B 56 0.74 17.40 5.11
N LEU B 57 1.90 16.85 5.43
CA LEU B 57 2.24 16.58 6.83
C LEU B 57 2.27 17.91 7.57
N LYS B 58 2.84 18.95 6.97
CA LYS B 58 2.98 20.28 7.64
C LYS B 58 1.58 20.80 7.94
N THR B 59 0.64 20.54 7.03
CA THR B 59 -0.74 21.09 7.13
C THR B 59 -1.67 20.17 7.93
N GLY B 60 -1.19 19.09 8.51
CA GLY B 60 -1.92 18.27 9.51
C GLY B 60 -2.41 16.92 8.99
N ALA B 61 -1.82 16.40 7.92
CA ALA B 61 -2.17 15.07 7.38
C ALA B 61 -1.91 14.04 8.48
N ASP B 62 -2.83 13.10 8.63
CA ASP B 62 -2.70 11.96 9.56
C ASP B 62 -1.70 10.98 8.94
N VAL B 63 -0.49 10.95 9.49
CA VAL B 63 0.56 10.02 9.00
C VAL B 63 0.08 8.55 9.05
N ASN B 64 -0.83 8.18 9.95
CA ASN B 64 -1.26 6.76 10.12
C ASN B 64 -2.70 6.55 9.65
N ALA B 65 -3.23 7.40 8.79
CA ALA B 65 -4.60 7.23 8.26
C ALA B 65 -4.71 5.84 7.65
N VAL B 66 -5.85 5.19 7.86
CA VAL B 66 -6.12 3.88 7.21
C VAL B 66 -7.22 4.08 6.19
N ASP B 67 -7.06 3.43 5.05
CA ASP B 67 -8.09 3.39 4.00
C ASP B 67 -9.12 2.30 4.34
N ASN B 68 -10.07 2.03 3.45
CA ASN B 68 -11.17 1.08 3.76
C ASN B 68 -10.63 -0.34 3.93
N ALA B 69 -9.42 -0.66 3.48
CA ALA B 69 -8.82 -2.02 3.60
C ALA B 69 -7.73 -2.05 4.68
N GLY B 70 -7.59 -0.98 5.48
CA GLY B 70 -6.62 -0.94 6.59
C GLY B 70 -5.19 -0.63 6.15
N THR B 71 -4.99 -0.03 4.97
CA THR B 71 -3.65 0.29 4.42
C THR B 71 -3.29 1.75 4.75
N THR B 72 -2.03 1.99 5.15
CA THR B 72 -1.46 3.28 5.59
C THR B 72 -0.56 3.83 4.52
N PRO B 73 -0.25 5.15 4.55
CA PRO B 73 0.67 5.71 3.59
C PRO B 73 2.03 4.98 3.58
N LEU B 74 2.49 4.53 4.75
CA LEU B 74 3.80 3.83 4.81
C LEU B 74 3.73 2.50 4.02
N HIS B 75 2.64 1.75 4.14
CA HIS B 75 2.37 0.55 3.30
C HIS B 75 2.63 0.96 1.82
N LEU B 76 1.95 2.00 1.34
CA LEU B 76 2.01 2.34 -0.11
C LEU B 76 3.42 2.77 -0.51
N ALA B 77 4.10 3.60 0.28
CA ALA B 77 5.44 4.12 -0.08
C ALA B 77 6.45 2.96 -0.11
N ALA B 78 6.33 2.04 0.83
CA ALA B 78 7.23 0.86 0.94
C ALA B 78 6.99 -0.04 -0.28
N HIS B 79 5.75 -0.36 -0.59
CA HIS B 79 5.40 -1.13 -1.83
C HIS B 79 6.01 -0.48 -3.09
N ALA B 80 5.83 0.82 -3.22
CA ALA B 80 6.12 1.57 -4.44
C ALA B 80 7.62 1.90 -4.53
N GLY B 81 8.37 1.64 -3.47
CA GLY B 81 9.83 1.81 -3.42
C GLY B 81 10.29 3.25 -3.31
N HIS B 82 9.53 4.11 -2.60
CA HIS B 82 9.86 5.55 -2.46
C HIS B 82 10.60 5.72 -1.13
N LEU B 83 11.93 5.58 -1.16
CA LEU B 83 12.79 5.52 0.06
C LEU B 83 12.72 6.84 0.85
N GLU B 84 12.84 7.96 0.17
CA GLU B 84 12.85 9.34 0.77
C GLU B 84 11.48 9.55 1.43
N ILE B 85 10.40 9.19 0.74
CA ILE B 85 9.06 9.24 1.40
C ILE B 85 8.97 8.31 2.60
N VAL B 86 9.45 7.08 2.51
CA VAL B 86 9.41 6.13 3.67
C VAL B 86 10.13 6.79 4.85
N GLU B 87 11.26 7.45 4.62
CA GLU B 87 12.07 8.04 5.72
C GLU B 87 11.34 9.22 6.36
N VAL B 88 10.67 10.02 5.54
CA VAL B 88 9.94 11.24 5.94
C VAL B 88 8.70 10.81 6.75
N LEU B 89 8.00 9.76 6.32
CA LEU B 89 6.85 9.23 7.06
C LEU B 89 7.30 8.66 8.42
N LEU B 90 8.38 7.91 8.45
CA LEU B 90 8.87 7.33 9.73
C LEU B 90 9.26 8.45 10.70
N LYS B 91 9.91 9.51 10.22
CA LYS B 91 10.28 10.67 11.07
C LYS B 91 9.02 11.34 11.63
N ALA B 92 7.91 11.26 10.88
CA ALA B 92 6.65 11.92 11.25
C ALA B 92 5.82 10.96 12.11
N GLY B 93 6.38 9.83 12.53
CA GLY B 93 5.73 8.93 13.49
C GLY B 93 4.85 7.87 12.85
N ALA B 94 5.06 7.56 11.58
CA ALA B 94 4.34 6.46 10.89
C ALA B 94 4.52 5.17 11.69
N ASP B 95 3.44 4.42 11.86
CA ASP B 95 3.40 3.15 12.64
C ASP B 95 4.13 2.08 11.81
N VAL B 96 5.27 1.65 12.32
CA VAL B 96 6.23 0.84 11.52
C VAL B 96 5.62 -0.54 11.24
N ASN B 97 4.76 -1.06 12.11
CA ASN B 97 4.24 -2.46 12.01
C ASN B 97 2.74 -2.45 11.75
N ALA B 98 2.20 -1.33 11.25
CA ALA B 98 0.74 -1.21 10.97
C ALA B 98 0.29 -2.45 10.20
N HIS B 99 -0.79 -3.07 10.65
CA HIS B 99 -1.40 -4.22 9.94
C HIS B 99 -2.92 -4.19 10.08
N ASP B 100 -3.60 -4.77 9.11
CA ASP B 100 -5.01 -4.53 8.73
C ASP B 100 -5.91 -5.30 9.70
N HIS B 102 -7.08 -7.95 8.94
CA HIS B 102 -7.64 -9.20 8.39
C HIS B 102 -6.50 -9.97 7.73
N GLY B 103 -5.78 -9.33 6.82
CA GLY B 103 -4.59 -9.89 6.17
C GLY B 103 -3.33 -9.82 7.01
N THR B 104 -3.33 -9.01 8.08
CA THR B 104 -2.21 -8.74 9.03
C THR B 104 -0.91 -8.61 8.24
N VAL B 105 -0.91 -7.80 7.17
CA VAL B 105 0.27 -7.47 6.28
C VAL B 105 0.86 -6.11 6.71
N THR B 106 2.15 -6.10 6.97
CA THR B 106 2.94 -4.96 7.48
C THR B 106 3.66 -4.31 6.32
N PRO B 107 4.13 -3.06 6.47
CA PRO B 107 4.95 -2.43 5.44
C PRO B 107 6.18 -3.27 5.04
N LEU B 108 6.78 -4.00 5.98
CA LEU B 108 8.01 -4.76 5.65
C LEU B 108 7.70 -5.90 4.66
N HIS B 109 6.55 -6.57 4.82
CA HIS B 109 6.03 -7.57 3.86
C HIS B 109 6.10 -7.00 2.44
N LEU B 110 5.57 -5.79 2.25
CA LEU B 110 5.40 -5.22 0.89
C LEU B 110 6.78 -4.86 0.32
N ALA B 111 7.65 -4.22 1.11
CA ALA B 111 9.01 -3.86 0.68
C ALA B 111 9.77 -5.15 0.32
N ALA B 112 9.57 -6.21 1.10
CA ALA B 112 10.24 -7.51 0.86
C ALA B 112 9.82 -8.04 -0.52
N HIS B 113 8.52 -8.20 -0.71
CA HIS B 113 7.89 -8.70 -1.96
C HIS B 113 8.35 -7.94 -3.20
N MET B 114 8.34 -6.60 -3.18
CA MET B 114 8.65 -5.73 -4.35
C MET B 114 10.16 -5.52 -4.49
N GLY B 115 10.97 -6.11 -3.61
CA GLY B 115 12.43 -6.12 -3.76
C GLY B 115 13.09 -4.81 -3.39
N HIS B 116 12.58 -4.10 -2.38
CA HIS B 116 13.08 -2.75 -1.99
C HIS B 116 14.06 -2.87 -0.81
N LEU B 117 15.34 -3.06 -1.14
CA LEU B 117 16.41 -3.46 -0.19
C LEU B 117 16.56 -2.38 0.87
N GLU B 118 16.76 -1.15 0.42
CA GLU B 118 17.12 0.01 1.28
C GLU B 118 15.93 0.30 2.19
N ILE B 119 14.71 0.21 1.66
CA ILE B 119 13.49 0.38 2.48
C ILE B 119 13.41 -0.74 3.51
N VAL B 120 13.78 -1.97 3.13
CA VAL B 120 13.72 -3.13 4.06
C VAL B 120 14.63 -2.82 5.26
N GLU B 121 15.81 -2.27 4.99
CA GLU B 121 16.86 -1.96 6.00
C GLU B 121 16.37 -0.84 6.92
N VAL B 122 15.76 0.20 6.34
CA VAL B 122 15.26 1.40 7.06
C VAL B 122 14.13 0.92 7.98
N LEU B 123 13.23 0.08 7.47
CA LEU B 123 12.10 -0.44 8.29
C LEU B 123 12.72 -1.26 9.44
N LEU B 124 13.68 -2.12 9.14
CA LEU B 124 14.34 -2.96 10.16
C LEU B 124 14.91 -2.06 11.28
N LYS B 125 15.56 -0.95 10.90
CA LYS B 125 16.21 0.00 11.83
C LYS B 125 15.19 0.72 12.71
N HIS B 126 13.91 0.78 12.32
CA HIS B 126 12.83 1.39 13.12
C HIS B 126 12.01 0.32 13.82
N GLY B 127 12.55 -0.88 13.97
CA GLY B 127 11.97 -1.97 14.79
C GLY B 127 10.87 -2.73 14.08
N ALA B 128 10.99 -2.86 12.76
CA ALA B 128 10.02 -3.65 11.95
C ALA B 128 10.12 -5.12 12.38
N ASP B 129 8.99 -5.80 12.48
CA ASP B 129 8.88 -7.20 13.00
C ASP B 129 9.16 -8.21 11.88
N VAL B 130 10.34 -8.84 11.88
CA VAL B 130 10.73 -9.88 10.87
C VAL B 130 9.86 -11.11 11.06
N ASN B 131 9.24 -11.28 12.23
CA ASN B 131 8.46 -12.48 12.62
C ASN B 131 6.99 -12.30 12.20
N ALA B 132 6.59 -11.13 11.72
CA ALA B 132 5.18 -10.83 11.37
C ALA B 132 4.75 -11.78 10.25
N GLN B 133 3.69 -12.53 10.47
CA GLN B 133 3.04 -13.40 9.45
C GLN B 133 1.78 -12.70 8.92
N ASP B 134 1.56 -12.80 7.62
CA ASP B 134 0.26 -12.41 7.00
C ASP B 134 -0.76 -13.49 7.38
N LYS B 135 -2.01 -13.31 6.96
CA LYS B 135 -3.13 -14.28 7.13
C LYS B 135 -2.76 -15.69 6.60
N PHE B 136 -1.79 -15.81 5.66
CA PHE B 136 -1.41 -17.11 5.04
C PHE B 136 -0.04 -17.54 5.60
N GLY B 137 0.22 -17.18 6.87
CA GLY B 137 1.43 -17.54 7.63
C GLY B 137 2.74 -17.12 6.97
N LYS B 138 2.72 -16.28 5.93
CA LYS B 138 3.97 -15.83 5.25
C LYS B 138 4.57 -14.63 5.99
N THR B 139 5.88 -14.67 6.19
CA THR B 139 6.70 -13.60 6.82
C THR B 139 7.37 -12.80 5.70
N PRO B 140 7.91 -11.60 6.00
CA PRO B 140 8.67 -10.86 5.00
C PRO B 140 9.64 -11.83 4.30
N PHE B 141 10.38 -12.62 5.09
CA PHE B 141 11.36 -13.64 4.61
C PHE B 141 10.74 -14.58 3.57
N ASP B 142 9.58 -15.16 3.88
CA ASP B 142 8.84 -16.09 2.99
C ASP B 142 8.61 -15.42 1.63
N LEU B 143 8.20 -14.14 1.60
CA LEU B 143 7.84 -13.41 0.35
C LEU B 143 9.10 -13.06 -0.45
N ALA B 144 10.21 -12.81 0.23
CA ALA B 144 11.51 -12.53 -0.41
C ALA B 144 12.03 -13.81 -1.09
N ILE B 145 11.77 -14.97 -0.49
CA ILE B 145 12.14 -16.29 -1.06
C ILE B 145 11.21 -16.57 -2.25
N ASP B 146 9.90 -16.60 -2.01
CA ASP B 146 8.88 -16.91 -3.04
C ASP B 146 9.16 -16.06 -4.27
N ASN B 147 9.73 -14.87 -4.10
CA ASN B 147 10.01 -13.91 -5.21
C ASN B 147 11.49 -13.96 -5.61
N GLY B 148 12.28 -14.84 -4.98
CA GLY B 148 13.72 -15.02 -5.24
C GLY B 148 14.53 -13.77 -4.98
N ASN B 149 14.05 -12.85 -4.14
CA ASN B 149 14.79 -11.65 -3.63
C ASN B 149 15.83 -12.14 -2.60
N GLU B 150 17.06 -12.48 -3.04
CA GLU B 150 18.04 -13.24 -2.21
C GLU B 150 18.67 -12.31 -1.16
N ASP B 151 19.12 -11.12 -1.56
CA ASP B 151 19.77 -10.10 -0.67
C ASP B 151 18.85 -9.72 0.49
N ILE B 152 17.55 -9.55 0.22
CA ILE B 152 16.57 -9.17 1.27
C ILE B 152 16.36 -10.35 2.22
N ALA B 153 16.10 -11.55 1.68
CA ALA B 153 15.91 -12.79 2.46
C ALA B 153 17.09 -12.92 3.45
N GLU B 154 18.29 -12.68 2.94
CA GLU B 154 19.58 -12.69 3.69
C GLU B 154 19.49 -11.68 4.84
N VAL B 155 19.27 -10.39 4.51
CA VAL B 155 19.27 -9.26 5.48
C VAL B 155 18.21 -9.54 6.56
N LEU B 156 17.12 -10.20 6.19
CA LEU B 156 15.95 -10.54 7.07
C LEU B 156 16.31 -11.68 8.05
N GLN B 157 17.23 -12.58 7.67
CA GLN B 157 17.83 -13.58 8.62
C GLN B 157 18.78 -12.85 9.57
N LYS B 158 19.72 -12.10 9.00
CA LYS B 158 20.69 -11.19 9.70
C LYS B 158 20.01 -10.53 10.91
N ALA B 159 18.69 -10.27 10.86
CA ALA B 159 17.82 -10.00 12.04
C ALA B 159 16.71 -11.05 12.07
S SO4 C . 9.70 15.55 -5.49
O1 SO4 C . 8.68 16.33 -4.83
O2 SO4 C . 9.81 15.96 -6.87
O3 SO4 C . 10.99 15.76 -4.83
O4 SO4 C . 9.33 14.13 -5.45
#